data_4O1R
#
_entry.id   4O1R
#
_cell.length_a   61.054
_cell.length_b   61.054
_cell.length_c   122.179
_cell.angle_alpha   90.00
_cell.angle_beta   90.00
_cell.angle_gamma   90.00
#
_symmetry.space_group_name_H-M   'P 43 2 2'
#
loop_
_entity.id
_entity.type
_entity.pdbx_description
1 polymer 'Replicative DNA helicase'
2 non-polymer 'SODIUM ION'
3 non-polymer 'CHLORIDE ION'
4 non-polymer GLYCEROL
5 water water
#
_entity_poly.entity_id   1
_entity_poly.type   'polypeptide(L)'
_entity_poly.pdbx_seq_one_letter_code
;SGGALAGDSLVTLVDSGLQVPIKELVGKSGFAVWALNEATMQLEKAIVSNAFSTGIKPLFTLTTRLGRKIRATGNHKFLT
INGWKRLDELTPKEHLALPRNSGSDIYWDEIVSITYSGEEEVFDLTVPGLHNFVANNIIVHN
;
_entity_poly.pdbx_strand_id   A
#
# COMPACT_ATOMS: atom_id res chain seq x y z
N SER A 1 -8.67 -3.19 10.22
CA SER A 1 -9.69 -3.77 9.29
C SER A 1 -9.38 -3.42 7.83
N GLY A 2 -9.96 -4.20 6.91
N GLY A 2 -9.85 -4.25 6.90
CA GLY A 2 -9.51 -4.19 5.54
CA GLY A 2 -9.63 -4.02 5.47
C GLY A 2 -8.25 -5.02 5.55
C GLY A 2 -8.38 -4.65 4.86
N GLY A 3 -7.35 -4.76 4.61
N GLY A 3 -7.59 -5.34 5.67
CA GLY A 3 -6.16 -5.59 4.52
CA GLY A 3 -6.38 -5.97 5.21
C GLY A 3 -5.02 -5.11 5.38
C GLY A 3 -5.13 -5.35 5.79
N ALA A 4 -4.00 -5.95 5.45
CA ALA A 4 -2.74 -5.57 6.10
C ALA A 4 -1.56 -5.96 5.23
N LEU A 5 -0.37 -5.59 5.71
CA LEU A 5 0.88 -5.71 4.93
C LEU A 5 1.96 -6.38 5.72
N ALA A 6 2.91 -6.99 5.00
CA ALA A 6 4.11 -7.52 5.66
C ALA A 6 4.82 -6.40 6.42
N GLY A 7 5.45 -6.77 7.53
CA GLY A 7 6.14 -5.79 8.39
C GLY A 7 7.28 -5.03 7.76
N ASP A 8 7.90 -5.61 6.72
CA ASP A 8 9.01 -4.96 6.05
C ASP A 8 8.58 -4.01 4.95
N SER A 9 7.26 -3.90 4.73
CA SER A 9 6.74 -2.95 3.75
C SER A 9 7.17 -1.53 4.11
N LEU A 10 7.70 -0.80 3.14
CA LEU A 10 8.28 0.52 3.42
C LEU A 10 7.29 1.65 3.18
N VAL A 11 7.15 2.52 4.17
CA VAL A 11 6.39 3.75 4.00
C VAL A 11 7.35 4.93 4.11
N THR A 12 7.07 6.01 3.40
CA THR A 12 7.95 7.18 3.42
C THR A 12 7.44 8.25 4.35
N LEU A 13 8.25 8.63 5.34
CA LEU A 13 7.96 9.77 6.20
C LEU A 13 8.21 11.02 5.37
N VAL A 14 7.20 11.87 5.23
CA VAL A 14 7.25 12.95 4.25
C VAL A 14 8.45 13.91 4.43
N ASP A 15 8.66 14.40 5.64
CA ASP A 15 9.66 15.46 5.80
C ASP A 15 11.08 14.95 5.64
N SER A 16 11.39 13.84 6.29
CA SER A 16 12.74 13.31 6.16
C SER A 16 12.92 12.59 4.83
N GLY A 17 11.83 12.09 4.25
CA GLY A 17 11.94 11.23 3.06
C GLY A 17 12.48 9.86 3.40
N LEU A 18 12.51 9.53 4.70
CA LEU A 18 13.04 8.25 5.12
C LEU A 18 12.01 7.15 4.89
N GLN A 19 12.45 6.06 4.26
CA GLN A 19 11.61 4.89 4.03
C GLN A 19 11.75 3.97 5.24
N VAL A 20 10.64 3.70 5.91
CA VAL A 20 10.64 2.98 7.18
C VAL A 20 9.74 1.74 7.09
N PRO A 21 10.21 0.58 7.59
CA PRO A 21 9.33 -0.59 7.64
C PRO A 21 8.12 -0.31 8.53
N ILE A 22 6.94 -0.69 8.04
CA ILE A 22 5.72 -0.39 8.76
C ILE A 22 5.71 -0.99 10.18
N LYS A 23 6.37 -2.13 10.37
CA LYS A 23 6.42 -2.74 11.70
C LYS A 23 7.05 -1.77 12.73
N GLU A 24 7.96 -0.92 12.29
CA GLU A 24 8.66 0.01 13.19
C GLU A 24 7.81 1.20 13.61
N LEU A 25 6.66 1.38 12.95
CA LEU A 25 5.79 2.52 13.24
C LEU A 25 4.70 2.20 14.25
N VAL A 26 4.59 0.94 14.67
CA VAL A 26 3.52 0.53 15.59
C VAL A 26 3.54 1.42 16.83
N GLY A 27 2.37 1.99 17.17
CA GLY A 27 2.25 2.82 18.35
C GLY A 27 2.51 4.29 18.11
N LYS A 28 3.03 4.64 16.94
CA LYS A 28 3.30 6.04 16.59
C LYS A 28 2.05 6.63 15.95
N SER A 29 1.94 7.96 15.98
CA SER A 29 0.79 8.64 15.38
C SER A 29 1.11 10.10 15.13
N GLY A 30 0.27 10.75 14.32
CA GLY A 30 0.41 12.19 14.08
C GLY A 30 1.56 12.53 13.16
N PHE A 31 1.92 11.59 12.30
CA PHE A 31 3.00 11.82 11.33
C PHE A 31 2.49 11.63 9.93
N ALA A 32 3.17 12.22 8.96
CA ALA A 32 2.73 12.22 7.57
C ALA A 32 3.46 11.23 6.68
N VAL A 33 2.66 10.60 5.81
CA VAL A 33 3.15 9.72 4.74
C VAL A 33 2.54 10.23 3.43
N TRP A 34 2.87 9.58 2.32
CA TRP A 34 2.25 9.93 1.04
C TRP A 34 0.98 9.11 0.80
N ALA A 35 -0.02 9.76 0.21
CA ALA A 35 -1.28 9.11 -0.12
C ALA A 35 -1.85 9.71 -1.39
N LEU A 36 -2.77 8.99 -2.00
CA LEU A 36 -3.41 9.48 -3.21
C LEU A 36 -4.67 10.26 -2.90
N ASN A 37 -4.77 11.47 -3.44
CA ASN A 37 -6.04 12.17 -3.50
C ASN A 37 -6.74 11.72 -4.79
N GLU A 38 -7.80 10.93 -4.65
CA GLU A 38 -8.47 10.33 -5.80
C GLU A 38 -9.22 11.32 -6.68
N ALA A 39 -9.56 12.48 -6.14
CA ALA A 39 -10.25 13.52 -6.90
C ALA A 39 -9.30 14.22 -7.88
N THR A 40 -8.07 14.45 -7.45
CA THR A 40 -7.06 15.11 -8.29
C THR A 40 -6.16 14.09 -8.97
N MET A 41 -6.19 12.85 -8.49
CA MET A 41 -5.25 11.80 -8.90
C MET A 41 -3.79 12.24 -8.71
N GLN A 42 -3.55 12.94 -7.62
CA GLN A 42 -2.22 13.42 -7.27
C GLN A 42 -1.88 12.94 -5.88
N LEU A 43 -0.59 12.71 -5.64
CA LEU A 43 -0.11 12.37 -4.31
C LEU A 43 -0.13 13.59 -3.39
N GLU A 44 -0.48 13.36 -2.13
CA GLU A 44 -0.55 14.40 -1.10
C GLU A 44 -0.01 13.86 0.21
N LYS A 45 0.46 14.77 1.05
CA LYS A 45 0.85 14.42 2.42
C LYS A 45 -0.40 14.07 3.22
N ALA A 46 -0.32 13.00 4.00
CA ALA A 46 -1.46 12.48 4.74
C ALA A 46 -1.05 12.02 6.14
N ILE A 47 -1.81 12.45 7.14
CA ILE A 47 -1.53 12.09 8.53
C ILE A 47 -2.00 10.68 8.89
N VAL A 48 -1.12 9.95 9.56
CA VAL A 48 -1.42 8.63 10.09
C VAL A 48 -1.82 8.75 11.55
N SER A 49 -3.00 8.23 11.89
CA SER A 49 -3.52 8.31 13.25
C SER A 49 -3.25 7.07 14.12
N ASN A 50 -2.90 5.96 13.47
CA ASN A 50 -2.71 4.69 14.19
C ASN A 50 -1.87 3.77 13.31
N ALA A 51 -0.99 3.00 13.95
CA ALA A 51 -0.19 1.98 13.26
C ALA A 51 -0.18 0.76 14.17
N PHE A 52 -0.52 -0.41 13.62
CA PHE A 52 -0.84 -1.55 14.48
C PHE A 52 -0.66 -2.88 13.76
N SER A 53 -0.45 -3.92 14.55
CA SER A 53 -0.47 -5.31 14.10
C SER A 53 -1.90 -5.81 14.09
N THR A 54 -2.22 -6.62 13.09
CA THR A 54 -3.52 -7.29 13.09
C THR A 54 -3.38 -8.80 13.30
N GLY A 55 -2.19 -9.25 13.66
CA GLY A 55 -1.97 -10.68 13.92
C GLY A 55 -1.20 -11.34 12.80
N ILE A 56 -1.21 -12.67 12.78
CA ILE A 56 -0.53 -13.46 11.77
C ILE A 56 -1.54 -13.88 10.74
N LYS A 57 -1.28 -13.54 9.47
CA LYS A 57 -2.23 -13.79 8.39
C LYS A 57 -1.49 -14.26 7.13
N PRO A 58 -2.21 -14.89 6.20
CA PRO A 58 -1.62 -15.27 4.91
C PRO A 58 -1.29 -14.06 4.05
N LEU A 59 -0.13 -14.12 3.40
CA LEU A 59 0.36 -13.06 2.53
C LEU A 59 0.51 -13.53 1.11
N PHE A 60 0.29 -12.60 0.19
CA PHE A 60 0.55 -12.81 -1.24
C PHE A 60 1.55 -11.76 -1.71
N THR A 61 2.52 -12.20 -2.50
CA THR A 61 3.49 -11.28 -3.13
C THR A 61 2.96 -10.88 -4.49
N LEU A 62 2.79 -9.58 -4.67
CA LEU A 62 2.35 -9.01 -5.94
C LEU A 62 3.51 -8.26 -6.55
N THR A 63 3.80 -8.53 -7.83
CA THR A 63 4.90 -7.87 -8.53
C THR A 63 4.37 -7.20 -9.78
N THR A 64 4.87 -6.00 -10.07
CA THR A 64 4.47 -5.27 -11.26
C THR A 64 5.56 -5.32 -12.34
N ARG A 65 5.20 -4.90 -13.55
CA ARG A 65 6.09 -4.92 -14.71
C ARG A 65 7.34 -4.06 -14.51
N LEU A 66 7.20 -2.92 -13.82
CA LEU A 66 8.37 -2.08 -13.57
CA LEU A 66 8.33 -2.05 -13.50
C LEU A 66 9.21 -2.60 -12.40
N GLY A 67 8.74 -3.67 -11.76
CA GLY A 67 9.51 -4.37 -10.73
C GLY A 67 9.14 -4.02 -9.31
N ARG A 68 8.06 -3.27 -9.11
CA ARG A 68 7.61 -2.98 -7.76
C ARG A 68 6.97 -4.23 -7.16
N LYS A 69 7.10 -4.40 -5.86
CA LYS A 69 6.71 -5.65 -5.21
C LYS A 69 6.20 -5.32 -3.82
N ILE A 70 5.14 -6.02 -3.42
CA ILE A 70 4.59 -5.84 -2.08
C ILE A 70 3.99 -7.15 -1.63
N ARG A 71 3.96 -7.36 -0.31
CA ARG A 71 3.34 -8.54 0.28
C ARG A 71 2.18 -8.11 1.13
N ALA A 72 0.97 -8.54 0.74
CA ALA A 72 -0.26 -8.07 1.34
C ALA A 72 -1.24 -9.20 1.56
N THR A 73 -2.17 -8.99 2.48
CA THR A 73 -3.24 -9.97 2.66
C THR A 73 -4.18 -9.99 1.45
N GLY A 74 -4.92 -11.09 1.29
CA GLY A 74 -5.78 -11.27 0.13
C GLY A 74 -6.87 -10.22 0.04
N ASN A 75 -7.31 -9.70 1.19
CA ASN A 75 -8.35 -8.69 1.21
C ASN A 75 -7.84 -7.26 1.10
N HIS A 76 -6.53 -7.06 1.03
CA HIS A 76 -6.04 -5.69 0.91
C HIS A 76 -6.36 -5.15 -0.47
N LYS A 77 -6.84 -3.91 -0.52
CA LYS A 77 -7.28 -3.31 -1.78
C LYS A 77 -6.21 -2.44 -2.44
N PHE A 78 -6.18 -2.53 -3.76
CA PHE A 78 -5.31 -1.78 -4.66
C PHE A 78 -6.19 -1.08 -5.68
N LEU A 79 -5.68 -0.01 -6.30
CA LEU A 79 -6.53 0.78 -7.19
C LEU A 79 -6.34 0.40 -8.65
N THR A 80 -7.42 -0.02 -9.29
CA THR A 80 -7.42 -0.26 -10.73
C THR A 80 -8.18 0.87 -11.43
N ILE A 81 -8.16 0.87 -12.77
CA ILE A 81 -8.86 1.88 -13.55
C ILE A 81 -10.37 1.74 -13.40
N ASN A 82 -10.81 0.60 -12.90
CA ASN A 82 -12.22 0.35 -12.63
C ASN A 82 -12.54 0.28 -11.12
N GLY A 83 -11.69 0.90 -10.31
CA GLY A 83 -11.98 1.01 -8.87
C GLY A 83 -11.05 0.20 -8.00
N TRP A 84 -11.25 0.34 -6.70
CA TRP A 84 -10.47 -0.43 -5.73
C TRP A 84 -10.88 -1.90 -5.76
N LYS A 85 -9.89 -2.79 -5.73
CA LYS A 85 -10.13 -4.24 -5.76
C LYS A 85 -9.22 -4.95 -4.76
N ARG A 86 -9.78 -5.96 -4.11
CA ARG A 86 -8.99 -6.85 -3.27
C ARG A 86 -7.90 -7.53 -4.08
N LEU A 87 -6.74 -7.73 -3.45
CA LEU A 87 -5.67 -8.49 -4.07
C LEU A 87 -6.17 -9.82 -4.64
N ASP A 88 -7.03 -10.51 -3.87
CA ASP A 88 -7.50 -11.82 -4.29
C ASP A 88 -8.62 -11.75 -5.34
N GLU A 89 -8.89 -10.54 -5.85
CA GLU A 89 -9.76 -10.37 -7.02
C GLU A 89 -9.02 -9.82 -8.24
N LEU A 90 -7.71 -9.62 -8.12
CA LEU A 90 -6.91 -9.11 -9.23
C LEU A 90 -6.51 -10.23 -10.16
N THR A 91 -6.34 -9.89 -11.43
CA THR A 91 -6.04 -10.88 -12.45
C THR A 91 -4.68 -10.60 -13.10
N PRO A 92 -4.10 -11.61 -13.77
CA PRO A 92 -2.85 -11.36 -14.48
C PRO A 92 -3.05 -10.24 -15.50
N LYS A 93 -2.05 -9.37 -15.65
CA LYS A 93 -2.06 -8.24 -16.59
C LYS A 93 -2.96 -7.08 -16.19
N GLU A 94 -3.69 -7.22 -15.10
CA GLU A 94 -4.48 -6.09 -14.60
C GLU A 94 -3.54 -4.97 -14.15
N HIS A 95 -3.96 -3.72 -14.32
CA HIS A 95 -3.10 -2.59 -13.98
C HIS A 95 -3.49 -1.95 -12.65
N LEU A 96 -2.48 -1.47 -11.93
CA LEU A 96 -2.66 -0.80 -10.63
C LEU A 96 -2.04 0.59 -10.66
N ALA A 97 -2.61 1.49 -9.85
CA ALA A 97 -2.07 2.83 -9.71
C ALA A 97 -0.84 2.84 -8.82
N LEU A 98 0.23 3.43 -9.33
CA LEU A 98 1.48 3.55 -8.60
C LEU A 98 2.00 4.97 -8.78
N PRO A 99 2.70 5.51 -7.77
CA PRO A 99 3.33 6.82 -7.95
C PRO A 99 4.45 6.77 -8.98
N ARG A 100 4.57 7.85 -9.75
CA ARG A 100 5.71 8.04 -10.63
C ARG A 100 6.95 8.26 -9.78
N ASN A 101 8.13 8.06 -10.38
CA ASN A 101 9.41 8.22 -9.69
C ASN A 101 9.61 9.62 -9.14
N SER A 102 9.17 10.62 -9.91
CA SER A 102 9.20 12.01 -9.47
C SER A 102 7.86 12.67 -9.76
N GLY A 103 7.60 13.77 -9.07
CA GLY A 103 6.34 14.49 -9.23
C GLY A 103 5.24 13.88 -8.40
N SER A 104 4.01 14.30 -8.67
CA SER A 104 2.86 13.88 -7.86
C SER A 104 1.84 13.09 -8.66
N ASP A 105 2.20 12.71 -9.88
CA ASP A 105 1.30 11.93 -10.73
C ASP A 105 1.42 10.43 -10.48
N ILE A 106 0.40 9.73 -10.95
CA ILE A 106 0.41 8.27 -10.91
C ILE A 106 0.55 7.69 -12.31
N TYR A 107 0.97 6.42 -12.36
CA TYR A 107 1.01 5.66 -13.59
C TYR A 107 0.35 4.31 -13.33
N TRP A 108 -0.17 3.70 -14.39
CA TRP A 108 -0.89 2.43 -14.27
C TRP A 108 0.01 1.28 -14.70
N ASP A 109 0.59 0.58 -13.73
CA ASP A 109 1.54 -0.48 -14.03
C ASP A 109 0.82 -1.82 -14.11
N GLU A 110 1.35 -2.70 -14.94
CA GLU A 110 0.78 -4.03 -15.13
C GLU A 110 1.25 -5.00 -14.05
N ILE A 111 0.32 -5.79 -13.51
CA ILE A 111 0.67 -6.90 -12.62
C ILE A 111 1.25 -8.04 -13.44
N VAL A 112 2.45 -8.50 -13.07
CA VAL A 112 3.08 -9.66 -13.75
C VAL A 112 3.00 -10.96 -12.95
N SER A 113 2.81 -10.86 -11.63
CA SER A 113 2.69 -12.05 -10.82
C SER A 113 2.00 -11.78 -9.50
N ILE A 114 1.22 -12.77 -9.06
CA ILE A 114 0.69 -12.82 -7.70
C ILE A 114 0.94 -14.22 -7.19
N THR A 115 1.57 -14.34 -6.02
CA THR A 115 2.03 -15.63 -5.52
C THR A 115 1.80 -15.71 -4.02
N TYR A 116 1.12 -16.75 -3.56
CA TYR A 116 1.03 -16.98 -2.13
C TYR A 116 2.43 -17.12 -1.55
N SER A 117 2.71 -16.42 -0.45
CA SER A 117 4.06 -16.45 0.13
C SER A 117 4.10 -16.68 1.63
N GLY A 118 3.09 -17.35 2.17
CA GLY A 118 3.14 -17.83 3.54
C GLY A 118 2.45 -16.93 4.51
N GLU A 119 2.58 -17.24 5.79
CA GLU A 119 1.96 -16.46 6.86
C GLU A 119 3.02 -15.73 7.66
N GLU A 120 2.72 -14.49 8.01
CA GLU A 120 3.59 -13.68 8.87
C GLU A 120 2.73 -12.73 9.66
N GLU A 121 3.30 -12.11 10.68
CA GLU A 121 2.61 -10.98 11.32
C GLU A 121 2.41 -9.86 10.29
N VAL A 122 1.24 -9.23 10.32
CA VAL A 122 0.91 -8.18 9.36
C VAL A 122 0.43 -6.93 10.08
N PHE A 123 0.55 -5.80 9.38
CA PHE A 123 0.43 -4.47 9.98
C PHE A 123 -0.35 -3.55 9.08
N ASP A 124 -0.94 -2.53 9.68
CA ASP A 124 -1.69 -1.55 8.92
C ASP A 124 -1.56 -0.17 9.55
N LEU A 125 -1.89 0.84 8.74
CA LEU A 125 -1.95 2.23 9.17
C LEU A 125 -3.34 2.75 8.95
N THR A 126 -3.81 3.58 9.86
CA THR A 126 -5.08 4.30 9.64
C THR A 126 -4.75 5.71 9.19
N VAL A 127 -5.32 6.08 8.05
CA VAL A 127 -5.16 7.39 7.44
C VAL A 127 -6.57 8.01 7.34
N PRO A 128 -6.97 8.77 8.38
CA PRO A 128 -8.39 9.17 8.44
C PRO A 128 -8.86 10.11 7.35
N GLY A 129 -7.95 10.81 6.68
CA GLY A 129 -8.39 11.72 5.60
C GLY A 129 -8.70 10.97 4.32
N LEU A 130 -7.64 10.50 3.68
CA LEU A 130 -7.70 9.91 2.35
C LEU A 130 -7.89 8.39 2.33
N HIS A 131 -7.72 7.74 3.48
CA HIS A 131 -7.96 6.29 3.66
C HIS A 131 -7.08 5.39 2.79
N ASN A 132 -5.91 5.88 2.41
CA ASN A 132 -4.95 5.10 1.63
C ASN A 132 -3.57 5.62 1.89
N PHE A 133 -2.57 4.87 1.48
CA PHE A 133 -1.21 5.35 1.60
C PHE A 133 -0.32 4.59 0.63
N VAL A 134 0.89 5.12 0.44
CA VAL A 134 1.88 4.47 -0.41
C VAL A 134 2.77 3.55 0.43
N ALA A 135 2.87 2.29 0.03
CA ALA A 135 3.74 1.32 0.66
C ALA A 135 4.50 0.57 -0.41
N ASN A 136 5.82 0.44 -0.23
CA ASN A 136 6.66 -0.14 -1.26
C ASN A 136 6.40 0.50 -2.63
N ASN A 137 6.11 1.80 -2.60
CA ASN A 137 5.90 2.56 -3.84
C ASN A 137 4.71 2.06 -4.65
N ILE A 138 3.71 1.52 -3.94
CA ILE A 138 2.42 1.12 -4.53
C ILE A 138 1.31 1.71 -3.65
N ILE A 139 0.23 2.19 -4.29
CA ILE A 139 -0.90 2.75 -3.54
C ILE A 139 -1.79 1.65 -3.00
N VAL A 140 -2.05 1.66 -1.70
CA VAL A 140 -2.91 0.66 -1.03
C VAL A 140 -4.02 1.34 -0.24
N HIS A 141 -5.21 0.73 -0.12
CA HIS A 141 -6.29 1.42 0.57
CA HIS A 141 -6.34 1.33 0.61
C HIS A 141 -6.27 1.06 2.08
C HIS A 141 -6.62 0.70 1.98
N ASN A 142 -7.17 1.65 2.88
N ASN A 142 -6.99 1.57 2.92
CA ASN A 142 -7.49 1.18 4.24
C ASN A 142 -8.72 0.26 4.17
#